data_8WDC
#
_entry.id   8WDC
#
_entity_poly.entity_id   1
_entity_poly.type   'polypeptide(L)'
_entity_poly.pdbx_seq_one_letter_code
;MMPIKSIVTLDQLEDSEYLFRIVSTVLPHLCLDYKVCDQLKTTFVHPFDILLNNSLGSVTKQDELQAAISKLGINYLIDT
TSRELKLFNVTLNAGNIDIINTPINISSETNPIINTHSFYDLPPFTQHLLNIRLTDTEYRARFIGGYIKPDGSDSMDVLA
EKKYPDLNFDNTYLFNILYKDVINAPIKEFKAKIVNGVLSRQDFDNLIGVRQYITIQDRPRFDDAYNIADAARHYGVNLN
TLPLPNVDLTTMPTYKHLIMFEQYFIYTYDRVDIYYNGNKMLFDDEIINFTISMRYQSLIPRLVDFFPDIPVNNNIVLHT
RDPQNAAVNVTVALPNVQFVDINRNNKFFINFFNLLAKEQRSTAIKVTKSMFWDGMDYEEYKSKNLQDMMFINSTCYVFG
LYNHNNTTYCSILSDIISAEKTPIRVCLLPRVVGGKTVTNLISETLKSISSMTIREFPRKDKSIMHIGLSETGFMRFFQL
LRLMADKPHETAIKEVVMAYVGIKLGDKGSPYYIRKESYQDFIYLLFASMGFKVTTRRSIMGSNNISIISIRPRVTKQYI
VATLMKTSCSKNEAEKLITSAFDLLNFMVSVSDFRDYQSYRQYRNYCPRYFYAG
;
_entity_poly.pdbx_strand_id   A,B,C
#
# COMPACT_ATOMS: atom_id res chain seq x y z
CA MET A 1 37.07 -13.89 0.11
CA MET A 2 34.26 -15.54 -1.66
CA PRO A 3 31.99 -13.02 -3.40
CA ILE A 4 28.95 -12.39 -1.32
CA LYS A 5 26.24 -14.34 -3.17
CA SER A 6 23.30 -11.94 -3.47
CA ILE A 7 20.15 -13.25 -1.65
CA VAL A 8 17.11 -12.12 -3.42
CA THR A 9 15.42 -9.79 -0.94
CA LEU A 10 12.14 -8.04 -1.35
CA ASP A 11 13.85 -4.72 -1.96
CA GLN A 12 15.81 -6.29 -4.79
CA LEU A 13 12.71 -7.67 -6.25
CA GLU A 14 11.22 -4.26 -6.08
CA ASP A 15 14.18 -2.68 -7.70
CA SER A 16 14.00 -1.48 -11.28
CA GLU A 17 17.20 -3.24 -11.97
CA TYR A 18 15.60 -6.46 -11.28
CA LEU A 19 13.57 -6.00 -14.30
CA PHE A 20 16.72 -6.06 -16.30
CA ARG A 21 17.09 -9.52 -15.14
CA ILE A 22 14.11 -10.32 -17.15
CA VAL A 23 15.94 -9.22 -20.24
CA SER A 24 19.01 -11.09 -19.37
CA THR A 25 17.04 -14.20 -18.67
CA VAL A 26 14.86 -14.10 -21.73
CA LEU A 27 17.42 -13.03 -24.28
CA PRO A 28 19.59 -16.11 -24.15
CA HIS A 29 16.66 -18.28 -24.98
CA LEU A 30 15.81 -16.43 -28.07
CA CYS A 31 17.29 -17.02 -31.43
CA LEU A 32 18.74 -14.06 -33.23
CA ASP A 33 16.09 -14.33 -35.95
CA TYR A 34 13.35 -14.03 -33.46
CA LYS A 35 11.10 -11.14 -34.39
CA VAL A 36 9.34 -9.25 -31.71
CA CYS A 37 5.80 -8.11 -32.58
CA ASP A 38 5.76 -4.38 -33.33
CA GLN A 39 2.66 -3.88 -31.31
CA LEU A 40 4.55 -4.95 -28.25
CA LYS A 41 7.42 -2.52 -28.71
CA THR A 42 5.35 0.22 -27.09
CA THR A 43 3.48 0.30 -23.85
CA PHE A 44 0.64 2.28 -22.29
CA VAL A 45 1.29 5.11 -19.85
CA HIS A 46 -1.49 7.19 -18.43
CA PRO A 47 -1.63 10.64 -19.98
CA PHE A 48 -1.62 12.35 -16.60
CA ASP A 49 1.83 10.90 -15.93
CA ILE A 50 3.17 12.05 -19.28
CA LEU A 51 1.72 15.51 -19.05
CA LEU A 52 3.53 16.04 -15.78
CA ASN A 53 6.66 14.14 -16.95
CA ASN A 54 7.22 14.18 -20.68
CA SER A 55 10.04 11.62 -20.57
CA LEU A 56 7.51 8.90 -19.84
CA GLY A 57 5.91 9.42 -23.27
CA SER A 58 8.87 8.01 -25.16
CA VAL A 59 7.72 4.48 -24.65
CA THR A 60 4.16 5.09 -25.80
CA LYS A 61 2.58 5.25 -29.24
CA GLN A 62 2.15 8.91 -30.05
CA ASP A 63 -1.13 8.64 -31.87
CA GLU A 64 -2.75 6.74 -29.08
CA LEU A 65 -1.35 9.13 -26.53
CA GLN A 66 -2.73 12.16 -28.26
CA ALA A 67 -6.05 10.56 -28.66
CA ALA A 68 -6.13 9.65 -25.04
CA ILE A 69 -5.20 13.14 -23.94
CA SER A 70 -8.07 14.60 -25.93
CA LYS A 71 -10.51 12.02 -24.73
CA LEU A 72 -9.53 12.48 -21.12
CA GLY A 73 -10.10 16.16 -21.33
CA ILE A 74 -13.64 15.56 -22.47
CA ASN A 75 -14.27 12.80 -19.93
CA TYR A 76 -12.95 14.83 -17.10
CA LEU A 77 -15.16 17.79 -17.86
CA ILE A 78 -18.17 15.57 -18.09
CA ASP A 79 -17.43 13.80 -14.85
CA THR A 80 -16.54 16.84 -12.79
CA THR A 81 -19.91 18.49 -13.48
CA SER A 82 -21.85 15.36 -13.14
CA ARG A 83 -23.63 14.38 -9.90
CA GLU A 84 -24.60 10.81 -10.51
CA LEU A 85 -21.66 8.50 -11.65
CA LYS A 86 -18.46 10.36 -10.72
CA LEU A 87 -15.77 8.06 -12.08
CA PHE A 88 -12.61 10.14 -11.52
CA ASN A 89 -10.85 10.10 -8.19
CA VAL A 90 -8.50 12.89 -9.22
CA THR A 91 -8.71 16.66 -9.34
CA LEU A 92 -6.89 18.59 -11.92
CA ASN A 93 -5.40 21.90 -10.78
CA ALA A 94 -3.19 24.55 -12.24
CA GLY A 95 0.10 22.86 -12.51
CA ASN A 96 -0.73 19.82 -10.49
CA ILE A 97 -3.06 16.73 -10.23
CA ASP A 98 -4.42 15.53 -6.85
CA ILE A 99 -5.47 12.00 -6.16
CA ILE A 100 -8.41 12.35 -3.87
CA ASN A 101 -8.65 10.13 -0.90
CA THR A 102 -12.18 8.86 -1.24
CA PRO A 103 -13.55 6.00 0.70
CA ILE A 104 -13.05 2.69 -0.93
CA ASN A 105 -16.43 1.50 -2.03
CA ILE A 106 -16.89 -2.23 -2.18
CA SER A 107 -20.11 -3.64 -3.60
CA SER A 108 -21.46 -6.62 -5.43
CA GLU A 109 -20.49 -4.84 -8.57
CA THR A 110 -16.92 -4.87 -7.61
CA ASN A 111 -14.61 -7.19 -9.52
CA PRO A 112 -15.17 -10.53 -7.91
CA ILE A 113 -11.58 -11.66 -8.74
CA ILE A 114 -9.20 -10.20 -6.21
CA ASN A 115 -6.26 -8.09 -7.41
CA THR A 116 -3.13 -9.43 -5.79
CA HIS A 117 -0.60 -7.20 -7.60
CA SER A 118 0.92 -3.97 -6.33
CA PHE A 119 2.39 -2.59 -9.73
CA TYR A 120 5.09 -0.47 -7.89
CA ASP A 121 7.17 -0.34 -11.03
CA LEU A 122 4.61 1.81 -12.76
CA PRO A 123 4.20 5.58 -12.62
CA PRO A 124 1.62 6.86 -10.09
CA PHE A 125 -1.41 7.50 -12.37
CA THR A 126 -0.76 4.41 -14.47
CA GLN A 127 -0.58 2.37 -11.31
CA HIS A 128 -3.76 4.02 -10.09
CA LEU A 129 -5.53 3.20 -13.32
CA LEU A 130 -4.47 -0.43 -13.20
CA ASN A 131 -5.69 -0.79 -9.69
CA ILE A 132 -9.05 0.57 -10.63
CA ARG A 133 -9.12 -1.54 -13.75
CA LEU A 134 -8.55 -4.70 -11.84
CA THR A 135 -10.92 -3.91 -8.93
CA ASP A 136 -13.74 -2.04 -10.67
CA THR A 137 -15.63 -2.24 -13.98
CA GLU A 138 -13.76 -2.13 -17.27
CA TYR A 139 -15.97 0.75 -18.32
CA ARG A 140 -14.73 2.95 -15.54
CA ALA A 141 -11.16 2.09 -16.30
CA ARG A 142 -11.60 2.95 -20.00
CA PHE A 143 -13.37 6.17 -19.18
CA ILE A 144 -10.63 7.43 -16.77
CA GLY A 145 -7.88 6.06 -19.00
CA GLY A 146 -9.06 7.95 -22.10
CA TYR A 147 -9.96 4.98 -24.24
CA ILE A 148 -11.52 5.49 -27.62
CA LYS A 149 -13.12 2.68 -29.48
CA PRO A 150 -11.39 2.04 -32.71
CA ASP A 151 -13.13 1.91 -36.00
CA GLY A 152 -13.67 -1.64 -37.14
CA SER A 153 -15.22 -4.98 -36.59
CA ASP A 154 -12.71 -6.33 -33.99
CA SER A 155 -13.59 -3.95 -31.22
CA MET A 156 -15.41 -5.36 -28.25
CA ASP A 157 -18.22 -3.58 -26.52
CA VAL A 158 -17.85 -3.39 -22.85
CA LEU A 159 -20.93 -4.11 -20.76
CA ALA A 160 -21.89 -1.66 -18.01
CA GLU A 161 -25.06 -0.67 -16.21
CA LYS A 162 -24.57 3.08 -16.62
CA LYS A 163 -22.51 4.97 -19.19
CA TYR A 164 -21.60 8.54 -19.96
CA PRO A 165 -22.22 10.06 -23.39
CA ASP A 166 -19.37 9.12 -25.70
CA LEU A 167 -17.82 12.18 -27.39
CA ASN A 168 -14.54 11.89 -29.43
CA PHE A 169 -12.89 14.98 -30.98
CA ASP A 170 -9.56 16.77 -30.86
CA ASN A 171 -9.04 19.34 -28.11
CA THR A 172 -6.57 20.99 -25.74
CA TYR A 173 -8.70 20.84 -22.62
CA LEU A 174 -6.12 19.10 -20.38
CA PHE A 175 -3.38 21.51 -21.38
CA ASN A 176 -5.60 24.39 -20.42
CA ILE A 177 -6.74 22.90 -17.18
CA LEU A 178 -3.15 22.04 -16.10
CA TYR A 179 -1.74 25.35 -17.24
CA LYS A 180 0.33 26.50 -14.25
CA ASP A 181 0.46 30.32 -14.69
CA VAL A 182 -3.01 31.40 -13.60
CA ILE A 183 -4.34 34.13 -11.41
CA ASN A 184 -4.92 32.95 -7.89
CA ALA A 185 -8.57 33.92 -7.70
CA PRO A 186 -11.23 32.65 -5.30
CA ILE A 187 -12.93 30.87 -8.11
CA LYS A 188 -10.77 27.96 -9.13
CA GLU A 189 -13.03 26.77 -11.87
CA PHE A 190 -12.33 29.74 -14.04
CA LYS A 191 -8.67 29.79 -14.77
CA ALA A 192 -7.52 33.13 -15.84
CA LYS A 193 -4.27 32.57 -17.72
CA ILE A 194 -1.25 34.72 -17.40
CA VAL A 195 0.83 35.05 -20.48
CA ASN A 196 4.05 37.01 -20.23
CA GLY A 197 3.06 38.30 -16.77
CA VAL A 198 -0.25 39.65 -17.86
CA LEU A 199 -3.78 38.36 -18.21
CA SER A 200 -4.39 36.76 -21.59
CA ARG A 201 -6.33 38.82 -24.07
CA GLN A 202 -9.08 36.34 -24.44
CA ASP A 203 -9.65 36.04 -20.77
CA PHE A 204 -9.51 39.75 -20.41
CA ASP A 205 -12.26 40.24 -22.94
CA ASN A 206 -14.38 37.61 -21.29
CA LEU A 207 -13.94 39.07 -17.86
CA ILE A 208 -14.81 42.50 -19.17
CA GLY A 209 -17.94 41.04 -20.61
CA VAL A 210 -18.88 39.40 -17.30
CA ARG A 211 -17.94 42.50 -15.35
CA GLN A 212 -20.82 44.32 -17.04
CA TYR A 213 -23.30 42.13 -15.29
CA ILE A 214 -21.81 42.37 -11.80
CA THR A 215 -23.27 44.80 -9.34
CA ILE A 216 -21.54 48.08 -8.63
CA GLN A 217 -20.92 46.92 -5.13
CA ASP A 218 -19.07 43.75 -6.12
CA ARG A 219 -17.05 45.21 -9.05
CA PRO A 220 -14.14 46.35 -6.99
CA ARG A 221 -13.75 42.94 -5.49
CA PHE A 222 -13.98 41.44 -8.86
CA ASP A 223 -11.40 43.89 -10.29
CA ASP A 224 -9.02 43.14 -7.55
CA ALA A 225 -9.42 39.37 -7.82
CA TYR A 226 -8.51 39.29 -11.48
CA ASN A 227 -6.21 42.34 -11.62
CA ILE A 228 -8.45 43.92 -14.18
CA ALA A 229 -6.88 47.39 -13.73
CA ASP A 230 -3.45 46.23 -14.69
CA ALA A 231 -4.69 44.27 -17.67
CA ALA A 232 -6.74 47.17 -18.83
CA ARG A 233 -3.72 49.41 -18.84
CA HIS A 234 -1.73 46.89 -20.74
CA TYR A 235 -4.34 46.45 -23.52
CA GLY A 236 -5.17 50.08 -23.65
CA VAL A 237 -8.78 49.73 -22.55
CA ASN A 238 -10.37 52.40 -20.40
CA LEU A 239 -12.74 50.80 -17.88
CA ASN A 240 -14.61 54.00 -17.28
CA THR A 241 -15.67 54.49 -20.89
CA LEU A 242 -17.15 51.06 -21.22
CA PRO A 243 -20.70 51.19 -22.45
CA LEU A 244 -23.55 50.50 -20.07
CA PRO A 245 -24.47 46.84 -20.12
CA ASN A 246 -27.49 45.77 -22.10
CA VAL A 247 -29.48 44.03 -19.39
CA ASP A 248 -32.52 43.33 -21.59
CA LEU A 249 -32.76 39.83 -23.14
CA THR A 250 -34.52 41.15 -26.22
CA THR A 251 -31.76 43.60 -27.22
CA MET A 252 -28.77 41.79 -25.88
CA PRO A 253 -26.15 41.37 -28.57
CA THR A 254 -24.79 38.10 -27.04
CA TYR A 255 -25.78 35.84 -24.33
CA LYS A 256 -22.25 34.44 -23.85
CA HIS A 257 -21.23 36.49 -20.90
CA LEU A 258 -24.45 35.88 -19.01
CA ILE A 259 -24.02 32.20 -19.48
CA MET A 260 -20.42 32.46 -18.29
CA PHE A 261 -21.60 34.33 -15.30
CA GLU A 262 -23.91 31.43 -14.41
CA GLN A 263 -21.25 28.94 -15.01
CA TYR A 264 -18.44 30.36 -12.93
CA PHE A 265 -19.35 33.46 -10.89
CA ILE A 266 -22.92 33.06 -9.57
CA TYR A 267 -21.92 32.00 -6.04
CA THR A 268 -19.26 34.66 -5.44
CA TYR A 269 -20.73 37.78 -6.98
CA ASP A 270 -24.04 39.37 -7.24
CA ARG A 271 -25.64 39.99 -10.61
CA VAL A 272 -27.65 43.03 -11.90
CA ASP A 273 -31.28 42.68 -12.61
CA ILE A 274 -32.10 41.27 -16.00
CA TYR A 275 -35.11 42.43 -18.06
CA TYR A 276 -37.29 41.11 -20.87
CA ASN A 277 -38.94 43.81 -23.03
CA GLY A 278 -38.61 46.29 -20.23
CA ASN A 279 -40.00 43.93 -17.57
CA LYS A 280 -37.78 42.69 -14.74
CA MET A 281 -37.22 38.93 -14.69
CA LEU A 282 -38.15 37.18 -11.46
CA PHE A 283 -36.50 33.77 -11.77
CA ASP A 284 -32.84 33.17 -12.59
CA ASP A 285 -33.68 29.70 -13.87
CA GLU A 286 -35.83 31.16 -16.56
CA ILE A 287 -33.12 33.55 -17.56
CA ILE A 288 -30.61 30.76 -18.03
CA ASN A 289 -33.03 28.52 -19.88
CA PHE A 290 -33.83 31.33 -22.23
CA THR A 291 -30.27 32.38 -22.84
CA ILE A 292 -28.98 28.81 -23.31
CA SER A 293 -31.79 27.95 -25.69
CA MET A 294 -31.20 31.03 -27.74
CA ARG A 295 -27.47 30.73 -27.95
CA TYR A 296 -27.29 27.00 -28.60
CA GLN A 297 -30.43 26.53 -30.64
CA SER A 298 -28.80 24.38 -33.36
CA LEU A 299 -27.44 21.94 -30.76
CA ILE A 300 -30.63 21.12 -28.85
CA PRO A 301 -31.57 18.11 -31.11
CA ARG A 302 -28.21 16.62 -30.49
CA LEU A 303 -28.54 17.15 -26.79
CA VAL A 304 -31.86 15.29 -26.83
CA ASP A 305 -30.25 12.36 -28.52
CA PHE A 306 -28.02 11.89 -25.51
CA PHE A 307 -30.66 12.90 -22.98
CA PRO A 308 -34.10 11.97 -24.08
CA ASP A 309 -35.69 12.80 -20.76
CA ILE A 310 -34.66 16.52 -20.88
CA PRO A 311 -37.75 18.69 -21.27
CA VAL A 312 -37.86 20.53 -24.58
CA ASN A 313 -40.70 22.83 -25.49
CA ASN A 314 -41.75 25.14 -28.32
CA ASN A 315 -42.45 27.92 -25.89
CA ILE A 316 -41.15 29.27 -22.54
CA VAL A 317 -43.06 31.01 -19.84
CA LEU A 318 -41.19 33.96 -18.30
CA HIS A 319 -42.30 35.42 -15.01
CA THR A 320 -41.66 39.11 -14.98
CA ARG A 321 -42.49 42.23 -13.06
CA ASP A 322 -43.77 45.29 -14.96
CA PRO A 323 -42.56 48.83 -14.16
CA GLN A 324 -45.81 49.18 -12.01
CA ASN A 325 -44.57 46.21 -9.92
CA ALA A 326 -47.31 43.92 -11.24
CA ALA A 327 -46.46 40.21 -11.83
CA VAL A 328 -46.88 39.50 -15.60
CA ASN A 329 -46.36 36.03 -17.23
CA VAL A 330 -44.95 36.36 -20.71
CA THR A 331 -45.18 33.33 -23.00
CA VAL A 332 -42.40 33.52 -25.58
CA ALA A 333 -42.96 31.45 -28.72
CA LEU A 334 -40.65 32.00 -31.65
CA PRO A 335 -40.94 30.21 -34.98
CA ASN A 336 -38.64 27.24 -35.31
CA VAL A 337 -37.15 27.86 -31.85
CA GLN A 338 -37.13 25.30 -29.10
CA PHE A 339 -36.60 25.96 -25.44
CA VAL A 340 -34.75 23.48 -23.25
CA ASP A 341 -35.00 23.23 -19.47
CA ILE A 342 -31.59 22.57 -17.93
CA ASN A 343 -32.55 23.39 -14.28
CA ARG A 344 -31.93 19.93 -13.10
CA ASN A 345 -28.10 20.62 -13.51
CA ASN A 346 -27.19 23.84 -15.01
CA LYS A 347 -23.46 23.50 -14.72
CA PHE A 348 -23.46 20.13 -16.43
CA PHE A 349 -25.61 21.08 -19.33
CA ILE A 350 -23.83 24.35 -19.95
CA ASN A 351 -20.62 22.49 -20.09
CA PHE A 352 -22.11 19.84 -22.31
CA PHE A 353 -23.33 22.43 -24.81
CA ASN A 354 -19.90 23.90 -24.87
CA LEU A 355 -18.51 20.45 -25.64
CA LEU A 356 -21.01 19.90 -28.40
CA ALA A 357 -20.20 23.23 -29.87
CA LYS A 358 -16.53 22.44 -29.88
CA GLU A 359 -17.19 19.00 -31.34
CA GLN A 360 -18.82 20.61 -34.39
CA ARG A 361 -15.79 22.64 -35.10
CA SER A 362 -13.25 19.95 -34.31
CA THR A 363 -12.01 16.90 -36.05
CA ALA A 364 -13.05 13.49 -35.00
CA ILE A 365 -10.31 11.37 -33.43
CA LYS A 366 -9.39 8.12 -35.12
CA VAL A 367 -7.48 5.51 -33.23
CA THR A 368 -6.11 2.05 -33.90
CA LYS A 369 -6.46 -1.02 -31.83
CA SER A 370 -4.72 -0.85 -28.50
CA MET A 371 -2.98 -3.95 -27.05
CA PHE A 372 -3.51 -2.59 -23.57
CA TRP A 373 -7.25 -1.96 -23.85
CA ASP A 374 -8.48 -4.20 -26.73
CA GLY A 375 -5.78 -6.79 -26.78
CA MET A 376 -6.24 -9.97 -28.89
CA ASP A 377 -8.88 -12.56 -28.94
CA TYR A 378 -8.48 -15.34 -26.49
CA GLU A 379 -8.52 -17.89 -29.27
CA GLU A 380 -5.82 -16.02 -30.98
CA TYR A 381 -3.80 -16.12 -27.88
CA LYS A 382 -4.24 -19.81 -27.46
CA SER A 383 -3.18 -20.31 -31.03
CA LYS A 384 0.19 -18.74 -30.51
CA ASN A 385 3.22 -20.86 -30.25
CA LEU A 386 4.51 -21.55 -26.80
CA GLN A 387 7.63 -19.48 -27.32
CA ASP A 388 5.63 -16.51 -28.04
CA MET A 389 3.44 -17.16 -25.09
CA MET A 390 6.36 -17.43 -22.83
CA PHE A 391 7.92 -14.32 -24.32
CA ILE A 392 4.73 -12.40 -23.67
CA ASN A 393 4.24 -13.66 -20.15
CA SER A 394 7.75 -12.76 -19.16
CA THR A 395 7.98 -9.34 -20.71
CA CYS A 396 4.41 -8.12 -20.22
CA TYR A 397 1.65 -7.89 -17.71
CA VAL A 398 -1.00 -10.12 -19.17
CA PHE A 399 -4.66 -9.21 -18.53
CA GLY A 400 -7.96 -10.75 -19.56
CA LEU A 401 -11.43 -9.39 -20.05
CA TYR A 402 -14.41 -11.45 -18.88
CA ASN A 403 -18.11 -10.88 -18.35
CA HIS A 404 -19.84 -11.40 -15.04
CA ASN A 405 -23.51 -10.49 -14.24
CA ASN A 406 -23.76 -8.38 -17.40
CA THR A 407 -20.70 -6.37 -16.58
CA THR A 408 -17.27 -6.62 -18.17
CA TYR A 409 -14.30 -6.85 -15.87
CA CYS A 410 -10.54 -7.02 -16.30
CA SER A 411 -8.22 -9.20 -14.21
CA ILE A 412 -4.86 -10.88 -14.52
CA LEU A 413 -5.21 -13.66 -17.06
CA SER A 414 -3.93 -16.37 -14.78
CA ASP A 415 -6.47 -15.37 -12.11
CA ILE A 416 -9.37 -15.48 -14.50
CA ILE A 417 -8.43 -18.98 -15.49
CA SER A 418 -7.91 -19.98 -11.89
CA ALA A 419 -11.35 -18.60 -11.04
CA GLU A 420 -12.77 -20.87 -13.82
CA LYS A 421 -13.92 -17.96 -15.85
CA THR A 422 -13.40 -17.72 -19.58
CA PRO A 423 -11.44 -14.80 -20.82
CA ILE A 424 -12.78 -13.05 -23.97
CA ARG A 425 -9.77 -10.90 -24.71
CA VAL A 426 -6.10 -10.92 -23.69
CA CYS A 427 -4.66 -7.51 -23.06
CA LEU A 428 -0.93 -6.81 -22.74
CA LEU A 429 1.19 -4.14 -20.96
CA PRO A 430 4.87 -4.42 -21.83
CA ARG A 431 7.17 -3.61 -18.98
CA VAL A 432 9.56 -0.69 -18.97
CA VAL A 433 13.19 -0.55 -17.88
CA GLY A 434 15.54 2.43 -18.31
CA GLY A 435 13.08 4.32 -20.42
CA LYS A 436 12.52 1.52 -22.93
CA THR A 437 10.08 -1.29 -23.04
CA VAL A 438 11.61 -4.69 -22.31
CA THR A 439 10.22 -6.00 -25.61
CA ASN A 440 11.85 -3.25 -27.57
CA LEU A 441 15.13 -3.56 -25.74
CA ILE A 442 15.24 -7.23 -26.61
CA SER A 443 14.35 -6.48 -30.22
CA GLU A 444 17.10 -3.91 -30.55
CA THR A 445 19.65 -6.14 -28.94
CA LEU A 446 18.83 -9.03 -31.24
CA LYS A 447 18.99 -6.82 -34.22
CA SER A 448 22.25 -5.34 -33.14
CA ILE A 449 23.88 -8.71 -32.72
CA SER A 450 22.41 -10.00 -35.92
CA SER A 451 23.79 -7.12 -37.88
CA MET A 452 27.27 -7.51 -36.60
CA THR A 453 30.01 -8.66 -38.89
CA ILE A 454 31.94 -11.60 -37.59
CA ARG A 455 35.35 -10.61 -36.39
CA GLU A 456 38.31 -12.58 -35.31
CA PHE A 457 38.35 -13.93 -31.82
CA PRO A 458 40.06 -11.49 -29.57
CA ARG A 459 43.81 -11.99 -28.69
CA LYS A 460 45.36 -12.02 -25.28
CA ASP A 461 46.45 -8.46 -24.41
CA LYS A 462 49.03 -7.59 -21.95
CA SER A 463 47.35 -5.58 -18.97
CA ILE A 464 43.71 -4.80 -19.91
CA MET A 465 41.97 -2.70 -17.34
CA HIS A 466 38.66 -2.12 -19.02
CA ILE A 467 35.83 -4.11 -20.57
CA GLY A 468 34.89 -1.42 -23.00
CA LEU A 469 31.95 0.03 -20.95
CA SER A 470 31.60 3.55 -19.71
CA GLU A 471 31.46 4.26 -16.05
CA THR A 472 27.71 4.15 -15.99
CA GLY A 473 27.64 1.11 -18.08
CA PHE A 474 30.19 -0.56 -15.93
CA MET A 475 28.33 0.07 -12.74
CA ARG A 476 25.11 -1.25 -14.16
CA PHE A 477 26.88 -4.37 -15.39
CA PHE A 478 28.40 -4.75 -12.08
CA GLN A 479 25.13 -4.66 -10.38
CA LEU A 480 23.71 -7.17 -12.73
CA LEU A 481 26.53 -9.61 -12.07
CA ARG A 482 25.62 -9.51 -8.45
CA LEU A 483 22.17 -10.63 -9.18
CA MET A 484 23.14 -13.53 -11.37
CA ALA A 485 22.12 -16.86 -9.55
CA ASP A 486 23.39 -20.51 -9.71
CA LYS A 487 22.73 -21.32 -13.37
CA PRO A 488 24.23 -24.00 -15.40
CA HIS A 489 27.64 -22.89 -16.72
CA GLU A 490 26.72 -22.82 -20.47
CA THR A 491 23.65 -20.76 -19.86
CA ALA A 492 25.33 -18.49 -17.43
CA ILE A 493 27.97 -17.55 -19.94
CA LYS A 494 25.51 -16.71 -22.63
CA GLU A 495 23.42 -14.73 -20.16
CA VAL A 496 26.31 -12.60 -19.03
CA VAL A 497 27.52 -12.02 -22.56
CA MET A 498 24.15 -11.03 -23.70
CA ALA A 499 23.61 -8.77 -20.70
CA TYR A 500 26.88 -7.14 -21.57
CA VAL A 501 25.82 -6.60 -25.12
CA GLY A 502 22.52 -5.17 -24.07
CA ILE A 503 24.21 -2.59 -21.84
CA LYS A 504 26.85 -1.81 -24.46
CA LEU A 505 24.23 -0.86 -27.00
CA GLY A 506 23.17 2.20 -25.04
CA ASP A 507 26.55 2.92 -23.57
CA LYS A 508 28.13 6.13 -25.20
CA GLY A 509 30.87 6.94 -22.79
CA SER A 510 34.64 6.33 -22.69
CA PRO A 511 35.66 3.05 -21.34
CA TYR A 512 35.93 3.02 -17.68
CA TYR A 513 39.21 1.74 -16.24
CA ILE A 514 38.71 -0.75 -13.43
CA ARG A 515 40.68 0.36 -10.50
CA LYS A 516 43.40 -1.71 -9.10
CA GLU A 517 41.70 -2.23 -5.83
CA SER A 518 38.68 -3.69 -7.50
CA TYR A 519 40.36 -5.46 -10.30
CA GLN A 520 40.66 -8.86 -8.62
CA ASP A 521 37.29 -8.78 -7.17
CA PHE A 522 35.81 -7.97 -10.44
CA ILE A 523 37.57 -10.86 -12.06
CA TYR A 524 36.18 -13.12 -9.49
CA LEU A 525 32.71 -11.79 -9.77
CA LEU A 526 32.67 -11.89 -13.51
CA PHE A 527 33.81 -15.55 -13.80
CA ALA A 528 31.84 -16.75 -10.89
CA SER A 529 28.72 -15.29 -12.40
CA MET A 530 29.49 -17.15 -15.56
CA GLY A 531 29.70 -20.45 -13.64
CA PHE A 532 33.51 -20.81 -13.82
CA LYS A 533 35.29 -22.35 -10.97
CA VAL A 534 37.43 -19.58 -9.59
CA THR A 535 40.01 -20.56 -7.07
CA THR A 536 42.24 -18.00 -5.37
CA ARG A 537 45.66 -19.37 -4.10
CA ARG A 538 47.59 -16.98 -1.84
CA SER A 539 51.16 -18.03 -1.99
CA ILE A 540 53.82 -16.09 -0.05
CA MET A 541 56.67 -16.17 -2.51
CA GLY A 542 59.41 -14.08 -0.82
CA SER A 543 58.27 -10.61 0.58
CA ASN A 544 55.29 -10.26 -1.75
CA ASN A 545 51.99 -11.82 -1.09
CA ILE A 546 51.12 -13.14 -4.57
CA SER A 547 47.40 -13.86 -5.05
CA ILE A 548 46.96 -16.27 -8.06
CA ILE A 549 43.41 -16.50 -9.46
CA SER A 550 42.89 -19.72 -11.29
CA ILE A 551 39.94 -19.96 -13.57
CA ARG A 552 38.76 -23.41 -14.62
CA PRO A 553 38.04 -24.40 -17.36
CA ARG A 554 40.54 -22.32 -19.21
CA VAL A 555 39.10 -19.60 -21.29
CA THR A 556 40.10 -20.48 -24.84
CA LYS A 557 38.60 -19.71 -28.20
CA GLN A 558 37.64 -23.28 -28.71
CA TYR A 559 36.11 -23.54 -25.39
CA ILE A 560 34.05 -20.38 -25.60
CA VAL A 561 32.90 -21.15 -29.03
CA ALA A 562 31.94 -24.67 -28.03
CA THR A 563 30.16 -23.51 -24.99
CA LEU A 564 28.16 -20.87 -26.81
CA MET A 565 27.35 -23.24 -29.60
CA LYS A 566 25.61 -25.50 -27.17
CA THR A 567 23.25 -22.77 -26.15
CA SER A 568 22.91 -20.93 -29.37
CA CYS A 569 20.56 -21.63 -32.21
CA SER A 570 23.37 -21.63 -34.84
CA LYS A 571 27.08 -21.45 -35.23
CA ASN A 572 26.61 -18.18 -36.89
CA GLU A 573 24.79 -16.87 -33.87
CA ALA A 574 27.52 -17.93 -31.54
CA GLU A 575 30.12 -16.21 -33.65
CA LYS A 576 28.17 -13.05 -33.88
CA LEU A 577 27.60 -13.04 -30.13
CA ILE A 578 31.32 -13.39 -29.64
CA THR A 579 31.94 -10.44 -31.92
CA SER A 580 29.42 -8.30 -30.17
CA ALA A 581 31.07 -8.96 -26.86
CA PHE A 582 34.55 -8.48 -28.22
CA ASP A 583 35.91 -6.28 -25.44
CA LEU A 584 34.47 -8.39 -22.67
CA LEU A 585 35.90 -11.54 -24.21
CA ASN A 586 39.18 -9.75 -24.73
CA PHE A 587 39.26 -9.03 -21.12
CA MET A 588 38.29 -12.62 -20.17
CA VAL A 589 41.01 -14.15 -22.27
CA SER A 590 43.53 -11.79 -20.99
CA VAL A 591 42.86 -12.36 -17.37
CA SER A 592 42.40 -16.16 -17.49
CA ASP A 593 46.03 -16.63 -16.37
CA PHE A 594 45.93 -13.70 -14.10
CA ARG A 595 48.91 -13.83 -11.72
CA ASP A 596 48.66 -10.64 -9.74
CA TYR A 597 51.80 -10.06 -7.60
CA GLN A 598 49.83 -7.66 -5.51
CA SER A 599 51.74 -5.88 -2.79
CA TYR A 600 48.42 -5.62 -0.87
CA ARG A 601 48.97 -1.94 -0.02
CA GLN A 602 46.74 -1.27 3.10
CA TYR A 603 45.25 1.92 1.84
CA ARG A 604 44.09 4.11 4.85
CA ASN A 605 40.34 3.11 4.84
CA TYR A 606 38.22 5.83 6.52
CA CYS A 607 37.41 3.05 8.97
CA PRO A 608 41.03 3.02 10.45
CA ARG A 609 42.49 -0.48 10.53
CA TYR A 610 44.37 -0.15 13.92
CA PHE A 611 47.06 -2.69 13.28
CA TYR A 612 47.73 -3.99 16.77
CA ALA A 613 51.51 -3.96 16.51
CA GLY A 614 53.25 -6.24 18.71
CA MET B 1 15.37 -22.67 -28.56
CA MET B 2 15.95 -23.30 -24.95
CA PRO B 3 12.82 -22.78 -22.84
CA ILE B 4 12.92 -19.43 -21.25
CA LYS B 5 13.70 -20.24 -17.60
CA SER B 6 11.19 -18.27 -15.54
CA ILE B 7 12.86 -15.66 -13.20
CA VAL B 8 10.81 -15.19 -10.17
CA THR B 9 9.64 -11.60 -10.36
CA LEU B 10 7.64 -9.74 -7.80
CA ASP B 11 4.52 -9.93 -9.93
CA GLN B 12 4.87 -13.69 -10.06
CA LEU B 13 5.24 -13.83 -6.39
CA GLU B 14 2.13 -11.79 -6.07
CA ASP B 15 0.24 -14.01 -8.39
CA SER B 16 -2.37 -16.36 -7.02
CA GLU B 17 -0.89 -19.09 -9.05
CA TYR B 18 2.24 -18.86 -7.14
CA LEU B 19 0.37 -20.16 -4.22
CA PHE B 20 -0.18 -23.32 -6.10
CA ARG B 21 3.48 -23.73 -5.98
CA ILE B 22 3.09 -24.17 -2.33
CA VAL B 23 0.93 -27.17 -2.96
CA SER B 24 3.24 -28.58 -5.47
CA THR B 25 6.19 -28.14 -3.21
CA VAL B 26 4.61 -29.49 -0.08
CA LEU B 27 2.76 -32.43 -1.52
CA PRO B 28 5.77 -34.43 -2.64
CA HIS B 29 7.16 -34.41 0.84
CA LEU B 30 4.09 -35.84 2.37
CA CYS B 31 3.34 -39.49 2.63
CA LEU B 32 0.01 -40.63 1.29
CA ASP B 33 -1.11 -41.62 4.79
CA TYR B 34 -0.56 -38.17 6.09
CA LYS B 35 -3.72 -36.84 7.65
CA VAL B 36 -4.43 -33.20 7.57
CA CYS B 37 -6.13 -31.79 10.68
CA ASP B 38 -9.81 -31.13 10.02
CA GLN B 39 -9.63 -27.81 11.75
CA LEU B 40 -7.21 -26.64 9.11
CA LYS B 41 -9.40 -27.58 6.15
CA THR B 42 -11.33 -24.35 6.54
CA THR B 43 -10.15 -20.79 6.81
CA PHE B 44 -11.50 -17.48 8.05
CA VAL B 45 -12.94 -14.88 5.72
CA HIS B 46 -14.42 -11.67 6.99
CA PRO B 47 -18.23 -11.68 6.81
CA PHE B 48 -18.31 -8.39 4.93
CA ASP B 49 -16.44 -10.01 2.08
CA ILE B 50 -18.80 -13.01 1.99
CA LEU B 51 -21.92 -10.93 2.18
CA LEU B 52 -20.87 -9.03 -0.90
CA ASN B 53 -19.41 -12.12 -2.61
CA ASN B 54 -20.99 -15.41 -1.56
CA SER B 55 -18.42 -17.55 -3.35
CA LEU B 56 -15.87 -16.65 -0.69
CA GLY B 57 -17.92 -18.43 1.97
CA SER B 58 -17.24 -21.88 0.54
CA VAL B 59 -13.93 -22.12 2.32
CA THR B 60 -15.27 -21.09 5.74
CA LYS B 61 -16.98 -23.02 8.50
CA GLN B 62 -20.64 -22.22 8.17
CA ASP B 63 -21.47 -22.16 11.84
CA GLU B 64 -18.69 -19.78 12.63
CA LEU B 65 -19.62 -17.60 9.68
CA GLN B 66 -23.22 -17.28 10.77
CA ALA B 67 -22.23 -16.51 14.27
CA ALA B 68 -19.83 -13.87 13.09
CA ILE B 69 -22.43 -12.27 10.87
CA SER B 70 -24.83 -11.97 13.80
CA LYS B 71 -22.18 -10.69 16.11
CA LEU B 72 -20.97 -8.11 13.63
CA GLY B 73 -24.41 -6.75 13.20
CA ILE B 74 -24.66 -6.14 16.93
CA ASN B 75 -21.14 -4.72 17.17
CA TYR B 76 -21.66 -2.39 14.26
CA LEU B 77 -24.83 -0.96 15.74
CA ILE B 78 -23.17 -0.41 19.07
CA ASP B 79 -20.13 1.23 17.57
CA THR B 80 -21.91 3.50 15.11
CA THR B 81 -23.97 5.12 17.88
CA SER B 82 -21.17 5.30 20.28
CA ARG B 83 -19.03 8.46 20.75
CA GLU B 84 -16.17 7.22 22.81
CA LEU B 85 -14.33 4.10 21.34
CA LYS B 86 -15.36 3.91 17.66
CA LEU B 87 -13.65 0.74 16.52
CA PHE B 88 -15.03 0.33 12.99
CA ASN B 89 -13.43 2.11 10.09
CA VAL B 90 -16.18 1.07 7.70
CA THR B 91 -19.65 2.38 6.91
CA LEU B 92 -22.36 0.05 5.89
CA ASN B 93 -24.73 1.37 3.21
CA ALA B 94 -27.58 -0.01 1.17
CA GLY B 95 -25.91 -2.40 -1.12
CA ASN B 96 -22.39 -1.41 -0.40
CA ILE B 97 -19.68 -1.08 2.35
CA ASP B 98 -17.27 1.88 2.46
CA ILE B 99 -13.87 1.76 4.05
CA ILE B 100 -13.44 5.17 5.55
CA ASN B 101 -10.21 6.96 5.12
CA THR B 102 -9.48 7.98 8.69
CA PRO B 103 -6.18 9.25 9.87
CA ILE B 104 -3.86 6.57 11.01
CA ASN B 105 -3.49 6.94 14.69
CA ILE B 106 -0.23 5.77 16.19
CA SER B 107 0.21 5.74 19.96
CA SER B 108 2.02 3.92 22.69
CA GLU B 109 -0.86 1.51 22.66
CA THR B 110 -0.15 0.53 19.17
CA ASN B 111 1.31 -2.93 18.59
CA PRO B 112 4.97 -2.48 19.32
CA ILE B 113 5.91 -5.30 16.85
CA ILE B 114 5.87 -3.95 13.34
CA ASN B 115 3.69 -5.64 10.72
CA THR B 116 5.82 -6.33 7.68
CA HIS B 117 3.22 -8.26 5.64
CA SER B 118 0.95 -6.89 2.92
CA PHE B 119 -1.61 -9.87 2.67
CA TYR B 120 -2.52 -8.98 -1.01
CA ASP B 121 -3.83 -12.49 -1.56
CA LEU B 122 -6.69 -11.91 0.82
CA PRO B 123 -10.09 -10.33 0.09
CA PRO B 124 -10.34 -6.60 0.94
CA PHE B 125 -12.13 -6.72 4.32
CA THR B 126 -10.20 -9.77 5.47
CA GLN B 127 -6.98 -8.02 4.55
CA HIS B 128 -8.20 -4.92 6.37
CA LEU B 129 -9.00 -6.93 9.47
CA LEU B 130 -5.59 -8.58 9.49
CA ASN B 131 -3.85 -5.29 9.18
CA ILE B 132 -5.75 -3.93 12.13
CA ARG B 133 -5.20 -7.14 14.05
CA LEU B 134 -1.47 -6.93 13.62
CA THR B 135 -1.12 -3.17 14.23
CA ASP B 136 -3.76 -2.54 16.91
CA THR B 137 -5.15 -4.36 19.96
CA GLU B 138 -6.51 -7.88 19.69
CA TYR B 139 -9.70 -6.66 21.26
CA ARG B 140 -10.42 -4.28 18.42
CA ALA B 141 -9.72 -6.95 15.88
CA ARG B 142 -12.07 -9.40 17.56
CA PHE B 143 -14.73 -6.75 17.86
CA ILE B 144 -14.65 -5.75 14.17
CA GLY B 145 -14.16 -9.38 13.09
CA GLY B 146 -17.29 -10.66 14.87
CA TYR B 147 -15.59 -12.93 17.35
CA ILE B 148 -17.64 -14.74 19.96
CA LYS B 149 -16.02 -16.37 22.90
CA PRO B 150 -16.66 -20.04 22.89
CA ASP B 151 -18.10 -21.93 25.81
CA GLY B 152 -15.41 -23.75 27.70
CA SER B 153 -12.27 -23.68 29.72
CA ASP B 154 -9.78 -23.25 26.81
CA SER B 155 -10.80 -19.80 25.81
CA MET B 156 -8.41 -16.96 26.54
CA ASP B 157 -9.51 -13.61 27.79
CA VAL B 158 -8.07 -10.78 25.88
CA LEU B 159 -6.78 -7.83 27.88
CA ALA B 160 -7.91 -4.33 26.92
CA GLU B 161 -8.27 -1.00 28.66
CA LYS B 162 -11.81 -0.32 27.41
CA LYS B 163 -14.41 -2.76 26.16
CA TYR B 164 -17.91 -2.62 24.71
CA PRO B 165 -20.79 -4.57 26.23
CA ASP B 166 -20.69 -8.15 24.99
CA LEU B 167 -24.05 -9.23 23.51
CA ASN B 168 -24.40 -12.58 21.59
CA PHE B 169 -27.70 -13.58 19.96
CA ASP B 170 -29.00 -14.50 16.51
CA ASN B 171 -30.10 -11.68 14.22
CA THR B 172 -30.38 -10.40 10.66
CA TYR B 173 -29.11 -6.91 11.27
CA LEU B 174 -26.37 -6.96 8.56
CA PHE B 175 -28.73 -8.29 5.96
CA ASN B 176 -31.11 -5.47 6.70
CA ILE B 177 -28.47 -2.79 6.75
CA LEU B 178 -26.94 -3.98 3.43
CA TYR B 179 -30.27 -4.47 1.76
CA LYS B 180 -29.88 -2.70 -1.60
CA ASP B 181 -33.49 -1.81 -2.59
CA VAL B 182 -34.30 1.12 -0.30
CA ILE B 183 -35.95 4.44 -0.80
CA ASN B 184 -33.44 7.16 -1.45
CA ALA B 185 -34.53 9.43 1.36
CA PRO B 186 -32.56 12.22 3.05
CA ILE B 187 -32.31 10.19 6.17
CA LYS B 188 -29.95 7.35 5.54
CA GLU B 189 -30.21 5.86 8.96
CA PHE B 190 -33.76 4.75 8.43
CA LYS B 191 -33.80 2.40 5.54
CA ALA B 192 -37.18 2.09 4.05
CA LYS B 193 -37.19 -1.19 2.16
CA ILE B 194 -38.77 -1.67 -1.20
CA VAL B 195 -40.20 -5.06 -1.84
CA ASN B 196 -41.57 -5.78 -5.31
CA GLY B 197 -41.36 -2.08 -6.20
CA VAL B 198 -43.32 -0.91 -3.24
CA LEU B 199 -42.58 0.11 0.32
CA SER B 200 -42.63 -2.85 2.69
CA ARG B 201 -45.71 -3.21 4.82
CA GLN B 202 -43.85 -2.99 8.06
CA ASP B 203 -42.03 0.13 7.10
CA PHE B 204 -45.22 1.61 5.81
CA ASP B 205 -46.98 1.06 9.11
CA ASN B 206 -44.08 2.54 11.01
CA LEU B 207 -43.91 5.58 8.81
CA ILE B 208 -47.60 6.10 9.13
CA GLY B 209 -47.20 5.97 12.85
CA VAL B 210 -44.37 8.54 12.77
CA ARG B 211 -46.23 10.70 10.30
CA GLN B 212 -48.85 11.37 12.98
CA TYR B 213 -46.37 13.25 15.04
CA ILE B 214 -44.94 15.40 12.24
CA THR B 215 -46.19 18.94 11.85
CA ILE B 216 -48.72 19.76 9.15
CA GLN B 217 -46.14 21.89 7.49
CA ASP B 218 -43.56 19.13 7.14
CA ARG B 219 -45.96 16.26 6.21
CA PRO B 220 -45.87 16.91 2.51
CA ARG B 221 -42.12 16.77 2.49
CA PHE B 222 -42.22 13.67 4.50
CA ASP B 223 -44.82 12.07 2.17
CA ASP B 224 -42.77 12.89 -0.84
CA ALA B 225 -39.53 11.60 0.65
CA TYR B 226 -40.93 8.19 1.40
CA ASN B 227 -43.53 7.97 -1.37
CA ILE B 228 -46.23 7.52 1.20
CA ALA B 229 -49.05 8.29 -1.31
CA ASP B 230 -48.13 5.45 -3.60
CA ALA B 231 -47.75 3.00 -0.78
CA ALA B 232 -51.00 4.03 0.72
CA ARG B 233 -52.76 3.33 -2.52
CA HIS B 234 -51.19 -0.05 -2.77
CA TYR B 235 -52.16 -1.17 0.74
CA GLY B 236 -55.57 0.34 0.53
CA VAL B 237 -55.05 2.89 3.30
CA ASN B 238 -56.70 6.29 3.07
CA LEU B 239 -54.36 8.94 4.51
CA ASN B 240 -57.17 11.40 4.99
CA THR B 241 -59.24 9.18 7.30
CA LEU B 242 -56.40 8.46 9.66
CA PRO B 243 -57.33 9.23 13.22
CA LEU B 244 -55.94 12.31 14.91
CA PRO B 245 -52.72 11.50 16.74
CA ASN B 246 -52.85 11.03 20.47
CA VAL B 247 -50.30 13.59 21.57
CA ASP B 248 -50.86 13.06 25.30
CA LEU B 249 -48.36 10.74 27.10
CA THR B 250 -51.02 9.55 29.53
CA THR B 251 -53.43 8.28 26.86
CA MET B 252 -51.01 7.27 24.22
CA PRO B 253 -51.55 3.68 23.17
CA THR B 254 -47.86 3.15 22.27
CA TYR B 255 -44.73 5.05 22.64
CA LYS B 256 -42.98 3.25 19.76
CA HIS B 257 -43.49 5.85 17.12
CA LEU B 258 -42.41 8.71 19.30
CA ILE B 259 -39.27 6.91 20.14
CA MET B 260 -38.68 6.18 16.43
CA PHE B 261 -39.15 9.81 15.73
CA GLU B 262 -36.40 10.68 18.17
CA GLN B 263 -34.19 8.05 16.79
CA TYR B 264 -34.34 8.83 13.10
CA PHE B 265 -36.32 11.96 12.19
CA ILE B 266 -35.71 14.65 14.87
CA TYR B 267 -33.14 16.63 12.87
CA THR B 268 -35.08 16.72 9.58
CA TYR B 269 -38.65 17.26 10.58
CA ASP B 270 -40.47 19.17 13.14
CA ARG B 271 -42.59 17.46 15.74
CA VAL B 272 -46.08 18.41 17.17
CA ASP B 273 -46.38 19.48 20.71
CA ILE B 274 -46.59 16.67 23.21
CA TYR B 275 -48.74 16.86 26.36
CA TYR B 276 -48.96 15.21 29.79
CA ASN B 277 -52.44 15.15 31.35
CA GLY B 278 -53.46 18.12 29.23
CA ASN B 279 -50.35 20.14 30.01
CA LYS B 280 -47.81 20.93 27.26
CA MET B 281 -44.32 19.42 27.76
CA LEU B 282 -41.47 21.89 27.78
CA PHE B 283 -38.40 19.70 27.40
CA ASP B 284 -37.87 17.07 24.69
CA ASP B 285 -35.36 15.26 26.90
CA GLU B 286 -38.04 14.63 29.49
CA ILE B 287 -40.39 13.33 26.88
CA ILE B 288 -37.88 10.79 25.64
CA ASN B 289 -36.83 9.70 29.13
CA PHE B 290 -40.45 9.16 30.03
CA THR B 291 -41.36 7.29 26.90
CA ILE B 292 -38.24 5.08 26.95
CA SER B 293 -38.70 4.22 30.59
CA MET B 294 -42.30 3.31 30.09
CA ARG B 295 -41.79 1.24 27.00
CA TYR B 296 -38.70 -0.62 28.14
CA GLN B 297 -39.42 -0.89 31.85
CA SER B 298 -38.51 -4.58 32.13
CA LEU B 299 -35.08 -3.97 30.56
CA ILE B 300 -33.78 -1.16 32.76
CA PRO B 301 -32.13 -3.51 35.33
CA ARG B 302 -30.24 -5.18 32.58
CA LEU B 303 -29.15 -1.85 31.19
CA VAL B 304 -27.78 -0.87 34.61
CA ASP B 305 -25.74 -4.02 34.73
CA PHE B 306 -23.85 -2.86 31.66
CA PHE B 307 -23.89 0.80 32.62
CA PRO B 308 -23.81 1.31 36.30
CA ASP B 309 -23.23 5.03 36.09
CA ILE B 310 -26.58 5.68 34.25
CA PRO B 311 -28.95 7.58 36.49
CA VAL B 312 -32.03 5.59 37.46
CA ASN B 313 -34.73 7.02 39.67
CA ASN B 314 -38.09 6.00 41.12
CA ASN B 315 -39.63 9.25 39.95
CA ILE B 316 -39.30 11.73 37.07
CA VAL B 317 -39.89 15.46 37.16
CA LEU B 318 -41.76 16.76 34.10
CA HIS B 319 -41.73 20.45 33.31
CA THR B 320 -45.02 21.40 31.75
CA ARG B 321 -47.04 24.41 30.79
CA ASP B 322 -50.73 24.53 31.83
CA PRO B 323 -53.46 25.76 29.46
CA GLN B 324 -53.16 29.21 31.35
CA ASN B 325 -49.49 29.30 30.21
CA ALA B 326 -48.20 28.79 33.78
CA ALA B 327 -45.04 26.67 34.29
CA VAL B 328 -46.04 23.59 36.41
CA ASN B 329 -43.59 20.84 37.58
CA VAL B 330 -45.25 17.46 37.69
CA THR B 331 -43.50 14.70 39.65
CA VAL B 332 -44.54 11.34 38.25
CA ALA B 333 -44.05 8.39 40.58
CA LEU B 334 -45.60 5.07 39.61
CA PRO B 335 -45.45 1.94 41.76
CA ASN B 336 -42.70 -0.44 40.67
CA VAL B 337 -41.68 1.83 37.81
CA GLN B 338 -38.17 3.19 37.36
CA PHE B 339 -37.19 6.10 35.22
CA VAL B 340 -33.84 6.13 33.39
CA ASP B 341 -32.04 9.25 32.14
CA ILE B 342 -30.52 8.60 28.71
CA ASN B 343 -29.77 12.28 27.83
CA ARG B 344 -26.10 11.73 27.76
CA ASN B 345 -26.57 9.81 24.39
CA ASN B 346 -30.06 9.25 23.35
CA LYS B 347 -29.33 7.53 20.08
CA PHE B 348 -26.95 5.03 21.67
CA PHE B 349 -29.27 4.05 24.51
CA ILE B 350 -32.34 3.78 22.35
CA ASN B 351 -30.47 1.48 20.10
CA PHE B 352 -29.11 -0.47 23.05
CA PHE B 353 -32.64 -1.02 24.43
CA ASN B 354 -33.71 -2.24 21.06
CA LEU B 355 -30.82 -4.70 21.13
CA LEU B 356 -31.69 -5.90 24.60
CA ALA B 357 -35.28 -6.35 23.56
CA LYS B 358 -34.25 -8.42 20.58
CA GLU B 359 -31.81 -10.43 22.71
CA GLN B 360 -34.70 -11.56 24.95
CA ARG B 361 -36.58 -12.92 22.06
CA SER B 362 -33.63 -14.42 20.27
CA THR B 363 -31.52 -17.46 20.74
CA ALA B 364 -28.09 -17.20 22.19
CA ILE B 365 -25.29 -18.00 19.72
CA LYS B 366 -23.02 -20.90 20.52
CA VAL B 367 -19.72 -21.20 18.77
CA THR B 368 -16.78 -23.58 18.83
CA LYS B 369 -13.15 -22.79 19.11
CA SER B 370 -11.75 -20.92 16.15
CA MET B 371 -8.21 -21.65 14.88
CA PHE B 372 -8.01 -18.13 13.58
CA TRP B 373 -8.96 -16.31 16.74
CA ASP B 374 -8.28 -18.76 19.62
CA GLY B 375 -5.76 -21.00 17.99
CA MET B 376 -3.82 -23.53 20.14
CA ASP B 377 -1.71 -23.15 23.18
CA TYR B 378 1.91 -22.31 22.53
CA GLU B 379 3.01 -25.40 24.44
CA GLU B 380 0.78 -27.46 22.29
CA TYR B 381 2.31 -25.98 19.21
CA LYS B 382 5.80 -26.70 20.46
CA SER B 383 4.86 -30.26 21.19
CA LYS B 384 3.94 -30.95 17.59
CA ASN B 385 6.21 -32.97 15.44
CA LEU B 386 8.40 -31.04 13.07
CA GLN B 387 6.54 -32.30 10.00
CA ASP B 388 3.40 -30.88 11.25
CA MET B 389 5.07 -27.65 12.10
CA MET B 390 6.51 -27.36 8.69
CA PHE B 391 3.19 -28.27 7.11
CA ILE B 392 1.47 -25.54 9.08
CA ASN B 393 4.08 -22.88 8.40
CA SER B 394 3.97 -23.53 4.69
CA THR B 395 0.23 -23.72 4.22
CA CYS B 396 -0.93 -21.17 6.78
CA TYR B 397 -0.30 -17.72 8.06
CA VAL B 398 0.88 -18.32 11.59
CA PHE B 399 0.05 -15.72 14.25
CA GLY B 400 0.76 -15.47 17.95
CA LEU B 401 -0.95 -13.70 20.81
CA TYR B 402 1.15 -12.00 23.48
CA ASN B 403 0.58 -9.55 26.30
CA HIS B 404 2.32 -6.19 26.57
CA ASN B 405 1.55 -3.45 29.17
CA ASN B 406 -1.71 -5.17 30.12
CA THR B 407 -2.93 -5.33 26.58
CA THR B 408 -3.12 -8.38 24.31
CA TYR B 409 -1.69 -8.06 20.85
CA CYS B 410 -1.44 -10.30 17.83
CA SER B 411 1.59 -10.50 15.54
CA ILE B 412 3.24 -12.96 13.20
CA LEU B 413 4.64 -15.78 15.32
CA SER B 414 8.17 -15.49 13.98
CA ASP B 415 8.22 -11.76 14.81
CA ILE B 416 7.07 -12.30 18.35
CA ILE B 417 9.86 -14.75 18.87
CA SER B 418 12.35 -12.46 17.21
CA ALA B 419 11.21 -9.63 19.48
CA GLU B 420 11.96 -11.92 22.48
CA LYS B 421 8.37 -12.00 23.54
CA THR B 422 6.58 -15.15 24.58
CA PRO B 423 3.58 -16.13 22.62
CA ILE B 424 0.55 -17.43 24.61
CA ARG B 425 -1.46 -18.74 21.71
CA VAL B 426 -0.71 -19.73 18.12
CA CYS B 427 -3.41 -18.79 15.68
CA LEU B 428 -3.62 -20.13 12.10
CA LEU B 429 -5.08 -18.83 8.81
CA PRO B 430 -4.93 -21.44 6.05
CA ARG B 431 -4.27 -19.98 2.63
CA VAL B 432 -6.69 -20.17 -0.23
CA VAL B 433 -6.08 -21.04 -3.89
CA GLY B 434 -8.74 -21.54 -6.56
CA GLY B 435 -11.54 -21.36 -4.05
CA LYS B 436 -10.16 -24.04 -1.76
CA THR B 437 -7.85 -23.90 1.17
CA VAL B 438 -4.36 -25.20 0.45
CA THR B 439 -4.69 -27.63 3.39
CA ASN B 440 -7.89 -29.05 2.03
CA LEU B 441 -6.57 -29.30 -1.50
CA ILE B 442 -3.62 -31.28 -0.23
CA SER B 443 -5.91 -33.49 1.83
CA GLU B 444 -8.13 -34.25 -1.14
CA THR B 445 -5.26 -34.93 -3.41
CA LEU B 446 -3.68 -37.38 -0.95
CA LYS B 447 -6.92 -39.09 -0.44
CA SER B 448 -7.55 -39.33 -4.14
CA ILE B 449 -4.22 -40.91 -4.82
CA SER B 450 -4.53 -43.21 -1.87
CA SER B 451 -7.85 -44.47 -3.05
CA MET B 452 -6.66 -45.28 -6.49
CA THR B 453 -6.39 -48.90 -7.62
CA ILE B 454 -3.03 -49.80 -9.04
CA ARG B 455 -3.14 -50.15 -12.78
CA GLU B 456 -0.67 -51.36 -15.26
CA PHE B 457 2.03 -49.02 -16.39
CA PRO B 458 0.90 -47.20 -19.48
CA ARG B 459 2.07 -48.51 -22.97
CA LYS B 460 3.64 -46.51 -25.75
CA ASP B 461 0.85 -45.11 -27.95
CA LYS B 462 1.34 -44.08 -31.47
CA SER B 463 0.60 -40.19 -31.83
CA ILE B 464 -0.74 -38.94 -28.44
CA MET B 465 -1.67 -35.31 -28.52
CA HIS B 466 -3.19 -34.82 -25.07
CA ILE B 467 -2.27 -35.41 -21.46
CA GLY B 468 -5.78 -35.97 -20.37
CA LEU B 469 -6.45 -32.40 -19.02
CA SER B 470 -9.15 -30.08 -20.22
CA GLU B 471 -8.26 -26.83 -21.80
CA THR B 472 -8.42 -24.97 -18.54
CA GLY B 473 -6.55 -27.62 -16.77
CA PHE B 474 -3.93 -27.73 -19.43
CA MET B 475 -3.33 -24.05 -19.31
CA ARG B 476 -2.98 -24.10 -15.59
CA PHE B 477 -0.56 -27.01 -15.80
CA PHE B 478 1.32 -25.17 -18.36
CA GLN B 479 1.69 -22.15 -16.26
CA LEU B 480 2.84 -24.19 -13.36
CA LEU B 481 5.57 -25.86 -15.42
CA ARG B 482 6.94 -22.48 -16.15
CA LEU B 483 7.37 -21.75 -12.55
CA MET B 484 9.10 -24.98 -11.69
CA ALA B 485 12.81 -24.15 -10.67
CA ASP B 486 16.15 -26.13 -10.70
CA LYS B 487 15.26 -29.05 -8.43
CA PRO B 488 16.95 -32.32 -8.17
CA HIS B 489 15.65 -34.65 -10.88
CA GLU B 490 13.93 -37.19 -8.56
CA THR B 491 12.10 -34.53 -6.69
CA ALA B 492 11.19 -32.61 -9.77
CA ILE B 493 9.50 -35.60 -11.27
CA LYS B 494 7.41 -36.30 -8.27
CA GLU B 495 6.51 -32.60 -7.99
CA VAL B 496 5.29 -32.39 -11.54
CA VAL B 497 3.37 -35.64 -11.28
CA MET B 498 1.74 -34.60 -8.15
CA ALA B 499 0.94 -31.14 -9.53
CA TYR B 500 -0.68 -32.87 -12.47
CA VAL B 501 -2.74 -35.03 -10.20
CA GLY B 502 -3.82 -32.08 -8.14
CA ILE B 503 -5.08 -30.26 -11.24
CA LYS B 504 -6.71 -33.39 -12.67
CA LEU B 505 -8.83 -33.83 -9.58
CA GLY B 506 -10.82 -30.68 -10.30
CA ASP B 507 -10.61 -30.91 -14.05
CA LYS B 508 -14.11 -31.92 -15.61
CA GLY B 509 -13.61 -31.04 -19.22
CA SER B 510 -12.70 -33.03 -22.34
CA PRO B 511 -9.08 -33.55 -22.92
CA TYR B 512 -7.48 -30.73 -24.68
CA TYR B 513 -5.47 -31.59 -27.77
CA ILE B 514 -2.05 -29.93 -27.84
CA ARG B 515 -1.66 -28.16 -31.09
CA LYS B 516 1.01 -29.09 -33.44
CA GLU B 517 2.75 -25.78 -33.20
CA SER B 518 3.11 -26.15 -29.47
CA TYR B 519 3.67 -29.83 -29.32
CA GLN B 520 7.46 -29.76 -29.36
CA ASP B 521 7.69 -26.90 -27.00
CA PHE B 522 5.46 -28.58 -24.60
CA ILE B 523 7.55 -31.69 -24.69
CA TYR B 524 10.60 -29.71 -23.95
CA LEU B 525 9.00 -27.77 -21.13
CA LEU B 526 7.49 -30.81 -19.53
CA PHE B 527 10.75 -32.80 -19.44
CA ALA B 528 12.92 -29.92 -18.58
CA SER B 529 10.72 -29.11 -15.65
CA MET B 530 11.12 -32.69 -14.53
CA GLY B 531 14.93 -32.32 -14.60
CA PHE B 532 15.47 -34.44 -17.74
CA LYS B 533 18.21 -33.55 -20.05
CA VAL B 534 16.49 -32.56 -23.25
CA THR B 535 18.63 -32.11 -26.28
CA THR B 536 17.24 -30.98 -29.63
CA ARG B 537 19.30 -32.07 -32.73
CA ARG B 538 18.27 -30.39 -35.96
CA SER B 539 19.47 -32.63 -38.79
CA ILE B 540 18.74 -31.69 -42.44
CA MET B 541 17.95 -35.08 -43.86
CA GLY B 542 17.05 -34.30 -47.52
CA SER B 543 14.48 -31.42 -48.03
CA ASN B 544 12.91 -31.76 -44.59
CA ASN B 545 14.33 -30.16 -41.56
CA ILE B 546 13.94 -32.99 -38.99
CA SER B 547 14.06 -31.84 -35.34
CA ILE B 548 14.91 -34.84 -33.05
CA ILE B 549 14.24 -34.33 -29.32
CA SER B 550 16.32 -36.64 -27.28
CA ILE B 551 15.32 -37.10 -23.68
CA ARG B 552 17.90 -38.54 -21.29
CA PRO B 553 17.56 -40.73 -19.25
CA ARG B 554 15.11 -42.74 -21.24
CA VAL B 555 11.67 -42.80 -19.90
CA THR B 556 11.03 -46.44 -19.03
CA LYS B 557 8.79 -48.15 -16.55
CA GLN B 558 11.72 -49.32 -14.55
CA TYR B 559 13.23 -45.96 -14.53
CA ILE B 560 10.13 -44.06 -13.46
CA VAL B 561 9.28 -46.55 -10.86
CA ALA B 562 12.82 -46.47 -9.50
CA THR B 563 12.91 -42.75 -9.50
CA LEU B 564 9.60 -42.34 -7.73
CA MET B 565 10.48 -45.00 -5.23
CA LYS B 566 13.46 -42.97 -4.13
CA THR B 567 11.23 -40.06 -3.22
CA SER B 568 8.18 -41.87 -2.07
CA CYS B 569 7.42 -43.23 1.31
CA SER B 570 6.50 -46.74 -0.02
CA LYS B 571 6.47 -48.82 -3.10
CA ASN B 572 2.80 -48.79 -2.90
CA GLU B 573 2.76 -45.04 -2.94
CA ALA B 574 4.90 -44.86 -6.01
CA GLU B 575 2.65 -47.26 -7.82
CA LYS B 576 -0.45 -45.41 -6.89
CA LEU B 577 1.08 -42.12 -7.96
CA ILE B 578 1.90 -43.66 -11.31
CA THR B 579 -1.67 -44.80 -11.69
CA SER B 580 -3.04 -41.43 -10.80
CA ALA B 581 -0.91 -39.80 -13.43
CA PHE B 582 -1.66 -42.42 -16.01
CA ASP B 583 -2.37 -40.08 -18.95
CA LEU B 584 0.59 -37.87 -18.27
CA LEU B 585 2.88 -40.90 -18.03
CA ASN B 586 1.33 -42.28 -21.18
CA PHE B 587 2.21 -39.17 -22.92
CA MET B 588 5.79 -39.17 -21.50
CA VAL B 589 6.48 -42.69 -22.59
CA SER B 590 5.07 -42.10 -25.93
CA VAL B 591 7.10 -39.07 -26.71
CA SER B 592 10.45 -40.23 -25.23
CA ASP B 593 11.63 -41.25 -28.74
CA PHE B 594 9.94 -38.40 -30.37
CA ARG B 595 11.33 -37.93 -33.91
CA ASP B 596 9.31 -35.07 -35.36
CA TYR B 597 9.95 -34.72 -39.14
CA GLN B 598 8.52 -31.25 -38.91
CA SER B 599 8.17 -29.48 -42.21
CA TYR B 600 8.48 -26.20 -40.24
CA ARG B 601 5.51 -24.59 -42.00
CA GLN B 602 6.00 -20.71 -41.68
CA TYR B 603 2.53 -19.97 -40.53
CA ARG B 604 1.67 -16.27 -41.33
CA ASN B 605 2.55 -14.62 -37.94
CA TYR B 606 0.48 -11.44 -37.58
CA CYS B 607 3.91 -9.92 -37.03
CA PRO B 608 4.88 -10.37 -40.82
CA ARG B 609 8.18 -12.16 -41.25
CA TYR B 610 9.46 -10.08 -44.31
CA PHE B 611 11.67 -12.68 -45.88
CA TYR B 612 14.50 -10.69 -47.46
CA ALA B 613 14.43 -12.45 -50.80
CA GLY B 614 17.18 -12.04 -53.15
CA MET C 1 9.39 -38.08 4.59
CA MET C 2 11.61 -35.72 2.82
CA PRO C 3 11.81 -32.29 4.55
CA ILE C 4 9.46 -29.90 2.88
CA LYS C 5 11.84 -27.66 0.91
CA SER C 6 10.76 -24.10 1.70
CA ILE C 7 9.53 -22.17 -1.44
CA VAL C 8 10.22 -18.57 -1.04
CA THR C 9 6.80 -16.97 -0.92
CA LEU C 10 6.04 -13.29 -0.71
CA ASP C 11 5.09 -13.55 2.93
CA GLN C 12 8.47 -15.08 3.67
CA LEU C 13 10.18 -12.37 1.85
CA GLU C 14 8.25 -9.91 3.87
CA ASP C 15 9.10 -11.60 7.08
CA SER C 16 11.62 -10.06 9.43
CA GLU C 17 13.34 -13.34 9.71
CA TYR C 18 14.18 -13.21 6.13
CA LEU C 19 16.41 -10.37 6.89
CA PHE C 20 18.43 -12.65 9.01
CA ARG C 21 19.17 -14.50 5.93
CA ILE C 22 21.11 -11.53 4.87
CA VAL C 23 23.38 -11.99 7.81
CA SER C 24 23.76 -15.61 7.24
CA THR C 25 24.54 -15.09 3.61
CA VAL C 26 26.96 -12.26 4.05
CA LEU C 27 28.87 -13.53 7.05
CA PRO C 28 30.42 -16.56 5.45
CA HIS C 29 32.00 -14.42 2.80
CA LEU C 30 33.71 -12.17 5.21
CA CYS C 31 37.03 -12.82 6.76
CA LEU C 32 37.22 -12.64 10.50
CA ASP C 33 39.54 -9.62 10.30
CA TYR C 34 37.01 -7.71 8.35
CA LYS C 35 36.21 -4.45 10.10
CA VAL C 36 32.82 -2.96 9.76
CA CYS C 37 32.74 0.85 9.52
CA ASP C 38 31.57 2.35 12.83
CA GLN C 39 29.33 4.76 11.04
CA LEU C 40 27.34 1.86 9.72
CA LYS C 41 26.77 0.24 13.12
CA THR C 42 23.85 2.60 13.75
CA THR C 43 20.86 3.43 11.67
CA PHE C 44 18.34 6.21 11.47
CA VAL C 45 14.85 5.92 12.95
CA HIS C 46 12.40 8.77 12.81
CA PRO C 47 12.03 10.48 16.18
CA PHE C 48 8.26 10.13 16.14
CA ASP C 49 8.67 6.35 16.16
CA ILE C 50 11.11 6.43 19.05
CA LEU C 51 9.09 8.82 21.12
CA LEU C 52 6.13 6.47 20.95
CA ASN C 53 8.32 3.33 21.24
CA ASN C 54 11.60 3.87 23.06
CA SER C 55 12.98 0.42 22.18
CA LEU C 56 13.49 1.60 18.61
CA GLY C 57 16.08 4.14 19.76
CA SER C 58 18.62 1.51 20.70
CA VAL C 59 19.85 1.22 17.16
CA THR C 60 20.27 4.97 16.62
CA LYS C 61 23.07 7.37 17.50
CA GLN C 62 21.92 9.19 20.59
CA ASP C 63 23.37 12.55 19.75
CA GLU C 64 21.78 12.62 16.38
CA LEU C 65 18.48 11.47 17.82
CA GLN C 66 18.39 14.22 20.39
CA ALA C 67 19.29 16.80 17.87
CA ALA C 68 16.58 15.56 15.57
CA ILE C 69 13.97 15.61 18.31
CA SER C 70 14.76 19.22 19.10
CA LYS C 71 14.79 20.22 15.49
CA LEU C 72 11.50 18.50 14.78
CA GLY C 73 9.85 20.32 17.57
CA ILE C 74 10.86 23.63 16.06
CA ASN C 75 9.94 22.58 12.53
CA TYR C 76 6.58 21.30 13.58
CA LEU C 77 5.66 24.52 15.31
CA ILE C 78 6.72 26.54 12.33
CA ASP C 79 4.82 24.42 9.86
CA THR C 80 1.61 24.04 11.83
CA THR C 81 1.15 27.81 12.03
CA SER C 82 2.24 28.46 8.56
CA ARG C 83 -0.27 28.85 5.64
CA GLU C 84 1.97 28.69 2.64
CA LEU C 85 4.30 25.55 2.50
CA LYS C 86 2.82 23.05 4.96
CA LEU C 87 5.34 20.25 4.79
CA PHE C 88 4.10 17.93 7.58
CA ASN C 89 1.37 15.44 6.90
CA VAL C 90 1.07 14.51 10.58
CA THR C 91 -0.72 16.00 13.57
CA LEU C 92 0.74 15.71 16.98
CA ASN C 93 -1.78 15.16 19.78
CA ALA C 94 -1.62 14.47 23.47
CA GLY C 95 -0.30 10.99 23.62
CA ASN C 96 -0.61 10.16 19.98
CA ILE C 97 0.47 11.17 16.41
CA ASP C 98 -1.97 11.09 13.47
CA ILE C 99 -0.95 10.67 9.88
CA ILE C 100 -3.35 12.84 7.96
CA ASN C 101 -4.87 11.50 4.85
CA THR C 102 -4.24 14.34 2.43
CA PRO C 103 -4.61 14.09 -1.26
CA ILE C 104 -1.52 12.93 -3.00
CA ASN C 105 -0.24 15.87 -4.93
CA ILE C 106 1.69 15.07 -8.06
CA SER C 107 3.36 17.90 -9.97
CA SER C 108 6.30 18.60 -12.20
CA GLU C 109 8.24 19.17 -9.05
CA THR C 110 7.69 15.68 -7.95
CA ASN C 111 10.68 13.33 -8.04
CA PRO C 112 10.90 12.27 -11.63
CA ILE C 113 12.45 8.87 -10.65
CA ILE C 114 9.70 6.54 -9.52
CA ASN C 115 9.95 4.93 -6.10
CA THR C 116 9.44 1.21 -6.50
CA HIS C 117 10.12 0.17 -2.88
CA SER C 118 7.55 -0.43 -0.17
CA PHE C 119 9.93 -0.38 2.99
CA TYR C 120 7.50 -2.60 5.06
CA ASP C 121 10.32 -3.57 7.37
CA LEU C 122 10.58 -0.08 8.73
CA PRO C 123 8.58 1.55 11.54
CA PRO C 124 5.57 3.60 10.39
CA PHE C 125 6.99 7.16 10.57
CA THR C 126 10.38 6.10 9.25
CA GLN C 127 8.65 4.39 6.37
CA HIS C 128 6.54 7.49 5.82
CA LEU C 129 9.61 9.69 5.78
CA LEU C 130 11.36 7.47 3.24
CA ASN C 131 8.40 7.51 0.97
CA ILE C 132 8.30 11.25 1.04
CA ARG C 133 12.04 11.44 0.63
CA LEU C 134 11.95 9.34 -2.48
CA THR C 135 8.84 10.95 -4.07
CA ASP C 136 9.24 14.60 -3.04
CA THR C 137 12.08 17.13 -2.60
CA GLU C 138 15.01 16.36 -0.35
CA TYR C 139 14.34 19.61 1.45
CA ARG C 140 10.93 18.49 2.58
CA ALA C 141 12.30 15.19 3.75
CA ARG C 142 15.04 16.86 5.78
CA PHE C 143 12.57 19.30 7.22
CA ILE C 144 10.10 16.63 8.42
CA GLY C 145 12.95 14.30 9.43
CA GLY C 146 14.62 16.82 11.76
CA TYR C 147 17.88 17.23 9.87
CA ILE C 148 20.44 19.72 11.05
CA LYS C 149 23.31 20.73 8.86
CA PRO C 150 26.57 19.82 10.45
CA ASP C 151 29.37 22.20 10.98
CA GLY C 152 32.03 21.78 8.36
CA SER C 153 33.10 21.90 4.79
CA ASP C 154 31.67 18.48 3.69
CA SER C 155 28.05 19.34 4.08
CA MET C 156 26.00 19.73 0.92
CA ASP C 157 23.41 22.39 0.46
CA VAL C 158 20.15 21.13 -0.78
CA LEU C 159 18.45 23.11 -3.53
CA ALA C 160 14.80 24.07 -3.10
CA GLU C 161 12.51 26.76 -4.42
CA LYS C 162 11.09 27.71 -1.02
CA LYS C 163 12.53 27.17 2.44
CA TYR C 164 11.51 27.76 6.03
CA PRO C 165 13.69 29.75 8.41
CA ASP C 166 16.37 27.50 9.82
CA LEU C 167 16.47 27.57 13.65
CA ASN C 168 18.66 25.09 15.66
CA PHE C 169 18.62 25.05 19.48
CA ASP C 170 17.87 22.60 22.29
CA ASN C 171 14.25 22.25 23.41
CA THR C 172 11.58 19.95 24.80
CA TYR C 173 8.80 21.00 22.48
CA LEU C 174 7.89 17.47 21.26
CA PHE C 175 7.80 16.07 24.75
CA ASN C 176 5.39 18.79 25.72
CA ILE C 177 3.21 18.43 22.71
CA LEU C 178 2.98 14.62 23.09
CA TYR C 179 2.46 14.74 26.80
CA LYS C 180 -0.53 12.45 27.37
CA ASP C 181 -2.05 13.71 30.67
CA VAL C 182 -3.78 16.94 29.63
CA ILE C 183 -7.12 18.46 30.35
CA ASN C 184 -9.62 17.63 27.70
CA ALA C 185 -10.56 21.21 26.87
CA PRO C 186 -12.24 22.50 23.71
CA ILE C 187 -9.03 24.21 22.73
CA LYS C 188 -6.56 21.57 21.71
CA GLU C 189 -3.79 23.96 20.95
CA PHE C 190 -3.29 24.91 24.55
CA LYS C 191 -2.41 21.81 26.43
CA ALA C 192 -3.03 22.20 30.06
CA LYS C 193 -0.89 19.58 31.76
CA ILE C 194 -1.99 17.46 34.65
CA VAL C 195 0.69 16.52 37.07
CA ASN C 196 -0.21 14.18 39.88
CA GLY C 197 -3.92 14.60 39.07
CA VAL C 198 -3.91 18.35 39.24
CA LEU C 199 -3.24 21.18 36.85
CA SER C 200 0.41 22.13 36.71
CA ARG C 201 1.41 25.24 38.57
CA GLN C 202 2.74 26.99 35.56
CA ASP C 203 -0.36 26.40 33.56
CA PHE C 204 -2.46 27.43 36.45
CA ASP C 205 -0.72 30.75 36.74
CA ASN C 206 -1.01 31.35 33.05
CA LEU C 207 -4.67 30.50 32.96
CA ILE C 208 -5.30 32.80 35.90
CA GLY C 209 -3.57 35.52 34.01
CA VAL C 210 -5.70 34.93 30.90
CA ARG C 211 -8.81 34.58 32.98
CA GLN C 212 -8.47 38.25 33.92
CA TYR C 213 -9.14 39.29 30.41
CA ILE C 214 -12.15 37.05 29.76
CA THR C 215 -15.61 38.54 30.04
CA ILE C 216 -17.69 37.90 33.14
CA GLN C 217 -20.12 36.01 31.02
CA ASP C 218 -17.56 33.53 29.66
CA ARG C 219 -15.57 33.00 32.91
CA PRO C 220 -17.69 30.19 34.20
CA ARG C 221 -17.29 28.30 31.00
CA PHE C 222 -13.65 28.93 31.11
CA ASP C 223 -13.41 27.78 34.75
CA ASP C 224 -15.26 24.64 34.02
CA ALA C 225 -13.21 23.81 30.94
CA TYR C 226 -9.93 23.94 32.78
CA ASN C 227 -11.14 22.93 36.27
CA ILE C 228 -9.85 26.19 37.65
CA ALA C 229 -11.83 25.82 40.94
CA ASP C 230 -10.14 22.56 41.84
CA ALA C 231 -6.69 23.83 41.00
CA ALA C 232 -7.27 26.99 42.94
CA ARG C 233 -8.13 24.99 46.00
CA HIS C 234 -5.07 22.87 45.64
CA TYR C 235 -2.65 25.79 45.29
CA GLY C 236 -4.38 27.82 47.96
CA VAL C 237 -5.44 30.65 45.68
CA ASN C 238 -8.74 32.44 46.29
CA LEU C 239 -10.30 33.32 42.93
CA ASN C 240 -12.55 35.96 44.50
CA THR C 241 -9.72 38.05 45.93
CA LEU C 242 -7.88 38.33 42.68
CA PRO C 243 -7.15 41.91 41.80
CA LEU C 244 -9.11 43.62 39.04
CA PRO C 245 -7.37 43.20 35.71
CA ASN C 246 -5.36 46.10 34.38
CA VAL C 247 -7.00 46.60 31.01
CA ASP C 248 -4.98 49.70 30.09
CA LEU C 249 -1.93 49.17 27.80
CA THR C 250 -0.03 52.05 29.41
CA THR C 251 -0.21 50.63 32.95
CA MET C 252 -0.22 46.98 32.22
CA PRO C 253 2.56 45.19 34.08
CA THR C 254 2.89 42.45 31.41
CA TYR C 255 1.58 41.84 28.01
CA LYS C 256 2.14 38.06 28.20
CA HIS C 257 -1.34 37.06 29.05
CA LEU C 258 -2.94 39.25 26.42
CA ILE C 259 -0.70 37.74 23.85
CA MET C 260 -1.59 34.26 25.08
CA PHE C 261 -5.20 35.15 24.80
CA GLU C 262 -4.71 36.03 21.14
CA GLN C 263 -2.76 32.95 20.53
CA TYR C 264 -5.04 30.31 21.99
CA PHE C 265 -8.41 31.64 23.24
CA ILE C 266 -9.63 34.37 20.85
CA TYR C 267 -12.07 32.16 18.93
CA THR C 268 -13.71 30.49 21.97
CA TYR C 269 -14.03 33.27 24.50
CA ASP C 270 -14.81 36.86 24.49
CA ARG C 271 -12.34 39.42 25.71
CA VAL C 272 -12.86 42.59 27.87
CA ASP C 273 -12.36 45.95 26.35
CA ILE C 274 -8.81 47.13 26.27
CA TYR C 275 -7.82 50.79 26.78
CA TYR C 276 -4.90 53.08 25.98
CA ASN C 277 -4.46 56.06 28.34
CA GLY C 278 -8.15 55.83 29.33
CA ASN C 279 -9.38 55.58 25.75
CA LYS C 280 -11.03 52.37 24.46
CA MET C 281 -9.20 50.58 21.66
CA LEU C 282 -11.19 50.00 18.51
CA PHE C 283 -9.12 47.47 16.60
CA ASP C 284 -7.83 44.15 17.99
CA ASP C 285 -5.09 44.11 15.38
CA GLU C 286 -3.63 47.26 16.78
CA ILE C 287 -3.75 45.89 20.29
CA ILE C 288 -1.77 42.82 19.29
CA ASN C 289 0.76 44.76 17.21
CA PHE C 290 1.36 47.05 20.14
CA THR C 291 1.65 44.35 22.75
CA ILE C 292 3.91 42.13 20.60
CA SER C 293 6.17 45.01 19.72
CA MET C 294 6.51 46.09 23.30
CA ARG C 295 7.12 42.63 24.71
CA TYR C 296 9.51 41.42 22.06
CA GLN C 297 11.25 44.63 21.20
CA SER C 298 14.80 43.21 21.31
CA LEU C 299 13.85 40.45 18.82
CA ILE C 300 12.34 42.55 16.01
CA PRO C 301 15.69 42.99 14.15
CA ARG C 302 16.14 39.29 14.12
CA LEU C 303 12.66 38.76 12.84
CA VAL C 304 13.34 41.14 9.94
CA ASP C 305 16.39 39.18 9.00
CA PHE C 306 14.16 36.17 8.31
CA PHE C 307 11.28 38.21 6.95
CA PRO C 308 12.42 41.30 5.19
CA ASP C 309 8.99 42.10 3.80
CA ILE C 310 7.36 42.46 7.29
CA PRO C 311 6.40 46.08 7.88
CA VAL C 312 8.35 47.70 10.69
CA ASN C 313 7.78 51.29 11.71
CA ASN C 314 9.04 53.79 14.29
CA ASN C 315 5.52 54.69 15.24
CA ILE C 316 2.07 53.03 15.47
CA VAL C 317 -1.29 54.63 14.96
CA LEU C 318 -3.91 53.52 17.49
CA HIS C 319 -7.57 54.10 16.80
CA THR C 320 -9.36 54.76 20.07
CA ARG C 321 -12.66 56.02 21.39
CA ASP C 322 -12.62 58.70 24.12
CA PRO C 323 -14.96 58.56 27.15
CA GLN C 324 -17.24 61.07 25.16
CA ASN C 325 -17.50 58.37 22.42
CA ALA C 326 -15.42 60.42 19.95
CA ALA C 327 -13.04 58.60 17.59
CA VAL C 328 -9.44 59.74 18.42
CA ASN C 329 -6.28 58.59 16.56
CA VAL C 330 -3.30 58.35 18.86
CA THR C 331 0.16 58.16 17.28
CA VAL C 332 2.51 56.41 19.66
CA ALA C 333 6.19 57.11 19.04
CA LEU C 334 8.69 55.98 21.67
CA PRO C 335 12.43 56.56 21.47
CA ASN C 336 14.33 53.55 20.20
CA VAL C 337 11.14 51.49 19.92
CA GLN C 338 10.00 49.83 16.70
CA PHE C 339 6.55 48.62 15.95
CA VAL C 340 6.02 45.51 13.81
CA ASP C 341 2.81 44.63 11.93
CA ILE C 342 2.06 40.92 12.21
CA ASN C 343 -1.55 41.08 10.94
CA ARG C 344 -0.80 39.03 7.95
CA ASN C 345 -0.50 35.93 10.27
CA ASN C 346 -0.73 36.59 13.88
CA LYS C 347 -0.49 33.03 15.11
CA PHE C 348 2.61 32.37 13.13
CA PHE C 349 4.50 35.42 14.12
CA ILE C 350 3.58 35.09 17.78
CA ASN C 351 4.87 31.59 17.70
CA PHE C 352 7.97 32.67 15.86
CA PHE C 353 8.77 35.31 18.48
CA ASN C 354 8.38 32.70 21.12
CA LEU C 355 10.85 30.51 19.27
CA LEU C 356 13.29 33.33 18.91
CA ALA C 357 13.00 34.11 22.57
CA LYS C 358 13.70 30.53 23.48
CA GLU C 359 16.61 30.37 21.03
CA GLN C 360 18.33 33.22 22.90
CA ARG C 361 18.18 31.34 26.11
CA SER C 362 19.01 27.93 24.74
CA THR C 363 22.12 26.24 23.52
CA ALA C 364 22.82 25.80 19.88
CA ILE C 365 22.70 22.19 18.71
CA LYS C 366 25.83 20.71 17.15
CA VAL C 367 25.63 17.60 15.11
CA THR C 368 28.01 15.36 13.19
CA LYS C 369 27.70 14.10 9.69
CA SER C 370 24.85 11.68 9.22
CA MET C 371 25.24 8.67 6.85
CA PHE C 372 21.54 8.70 6.24
CA TRP C 373 21.14 12.34 5.31
CA ASP C 374 24.63 13.46 4.16
CA GLY C 375 26.20 10.17 3.27
CA MET C 376 29.53 10.07 1.39
CA ASP C 377 30.67 11.62 -1.81
CA TYR C 378 29.92 9.62 -4.89
CA GLU C 379 33.61 9.54 -5.81
CA GLU C 380 34.35 8.19 -2.44
CA TYR C 381 31.86 5.51 -2.90
CA LYS C 382 33.27 4.55 -6.28
CA SER C 383 36.69 4.41 -4.74
CA LYS C 384 35.71 1.74 -2.26
CA ASN C 385 36.79 -1.79 -2.79
CA LEU C 386 34.21 -4.11 -4.24
CA GLN C 387 33.91 -6.07 -1.00
CA ASP C 388 32.93 -3.05 0.81
CA MET C 389 30.52 -2.10 -1.86
CA MET C 390 28.89 -5.46 -1.77
CA PHE C 391 28.79 -5.40 2.01
CA ILE C 392 27.03 -2.04 1.92
CA ASN C 393 24.53 -2.99 -0.78
CA SER C 394 23.53 -6.11 1.04
CA THR C 395 23.23 -4.73 4.53
CA CYS C 396 21.93 -1.23 3.79
CA TYR C 397 19.41 0.65 1.75
CA VAL C 398 21.56 2.68 -0.57
CA PHE C 399 20.28 6.12 -1.65
CA GLY C 400 21.69 8.84 -3.86
CA LEU C 401 21.18 12.57 -4.06
CA TYR C 402 20.95 14.27 -7.46
CA ASN C 403 19.90 17.67 -8.79
CA HIS C 404 17.14 18.16 -11.33
CA ASN C 405 15.70 21.55 -12.49
CA ASN C 406 17.41 23.34 -9.57
CA THR C 407 15.95 21.02 -6.99
CA THR C 408 17.72 18.26 -5.08
CA TYR C 409 16.07 14.89 -4.96
CA CYS C 410 16.83 11.57 -3.32
CA SER C 411 16.25 8.18 -4.96
CA ILE C 412 17.59 4.66 -4.75
CA LEU C 413 21.16 4.72 -6.09
CA SER C 414 20.60 2.03 -8.66
CA ASP C 415 17.60 3.94 -10.06
CA ILE C 416 19.51 7.17 -10.38
CA ILE C 417 22.16 5.39 -12.37
CA SER C 418 19.56 3.63 -14.45
CA ALA C 419 17.90 6.99 -15.17
CA GLU C 420 21.33 8.24 -16.44
CA LYS C 421 21.57 10.81 -13.73
CA THR C 422 24.71 11.41 -11.77
CA PRO C 423 24.51 10.96 -8.06
CA ILE C 424 26.28 13.62 -5.92
CA ARG C 425 26.08 11.82 -2.62
CA VAL C 426 25.49 8.23 -1.50
CA CYS C 427 23.37 7.92 1.59
CA LEU C 428 23.05 4.69 3.61
CA LEU C 429 20.37 3.21 5.91
CA PRO C 430 21.53 0.04 7.63
CA ARG C 431 18.83 -2.55 8.06
CA VAL C 432 17.59 -3.71 11.41
CA VAL C 433 16.85 -7.23 12.61
CA GLY C 434 15.94 -8.23 16.18
CA GLY C 435 16.68 -4.80 17.54
CA LYS C 436 20.18 -4.55 16.10
CA THR C 437 21.46 -3.28 12.84
CA VAL C 438 22.60 -6.00 10.45
CA THR C 439 26.01 -4.31 10.19
CA ASN C 440 26.48 -4.30 13.93
CA LEU C 441 25.31 -7.88 14.31
CA ILE C 442 27.87 -8.98 11.76
CA SER C 443 30.55 -6.93 13.49
CA GLU C 444 29.80 -8.46 16.86
CA THR C 445 29.68 -11.95 15.50
CA LEU C 446 33.03 -11.56 13.78
CA LYS C 447 34.55 -10.13 16.87
CA SER C 448 33.13 -12.88 18.99
CA ILE C 449 34.56 -15.60 16.78
CA SER C 450 37.85 -13.81 16.49
CA SER C 451 38.22 -13.56 20.20
CA MET C 452 37.60 -17.18 20.81
CA THR C 453 40.39 -19.42 22.00
CA ILE C 454 40.86 -22.52 19.94
CA ARG C 455 39.59 -25.60 21.69
CA GLU C 456 39.82 -29.20 20.89
CA PHE C 457 37.47 -30.62 18.36
CA PRO C 458 34.43 -31.99 20.13
CA ARG C 459 34.20 -35.77 20.93
CA LYS C 460 31.37 -38.11 20.15
CA ASP C 461 28.96 -38.09 23.11
CA LYS C 462 26.55 -40.79 23.88
CA SER C 463 22.86 -39.44 23.58
CA ILE C 464 23.04 -35.63 23.02
CA MET C 465 19.64 -34.05 22.92
CA HIS C 466 20.53 -30.37 22.65
CA ILE C 467 22.67 -28.08 20.52
CA GLY C 468 23.36 -25.67 23.30
CA LEU C 469 20.63 -23.07 22.35
CA SER C 470 17.83 -21.93 24.54
CA GLU C 471 14.30 -22.54 23.51
CA THR C 472 13.99 -19.20 21.80
CA GLY C 473 17.29 -19.60 20.17
CA PHE C 474 16.45 -23.03 19.01
CA MET C 475 13.24 -22.01 17.44
CA ARG C 476 14.91 -19.19 15.63
CA PHE C 477 17.68 -21.52 14.38
CA PHE C 478 15.05 -23.88 13.31
CA GLN C 479 13.25 -21.36 11.27
CA LEU C 480 16.42 -20.30 9.63
CA LEU C 481 17.27 -23.86 8.59
CA ARG C 482 14.01 -23.97 6.81
CA LEU C 483 14.89 -21.02 4.72
CA MET C 484 18.31 -22.27 3.71
CA ALA C 485 18.31 -22.97 -0.16
CA ASP C 486 20.31 -25.36 -2.44
CA LYS C 487 23.85 -24.05 -1.85
CA PRO C 488 27.05 -25.75 -2.54
CA HIS C 489 27.92 -28.07 0.33
CA GLU C 490 31.06 -26.19 1.58
CA THR C 491 29.29 -22.92 1.65
CA ALA C 492 26.19 -24.31 3.18
CA ILE C 493 28.10 -25.69 6.10
CA LYS C 494 29.84 -22.49 6.85
CA GLU C 495 26.55 -20.61 6.53
CA VAL C 496 24.76 -22.79 9.00
CA VAL C 497 27.65 -22.72 11.45
CA MET C 498 27.88 -19.04 11.28
CA ALA C 499 24.14 -18.60 11.63
CA TYR C 500 24.34 -20.75 14.73
CA VAL C 501 27.08 -18.64 16.15
CA GLY C 502 25.19 -15.48 15.45
CA ILE C 503 22.13 -16.73 17.33
CA LYS C 504 24.21 -18.15 20.16
CA LEU C 505 25.74 -14.76 20.87
CA GLY C 506 22.47 -13.32 22.06
CA ASP C 507 21.09 -16.54 23.49
CA LYS C 508 21.05 -16.41 27.40
CA GLY C 509 18.73 -19.27 28.24
CA SER C 510 19.28 -22.90 29.28
CA PRO C 511 19.79 -25.30 26.52
CA TYR C 512 16.66 -26.56 25.12
CA TYR C 513 16.28 -30.32 24.86
CA ILE C 514 15.00 -31.49 21.50
CA ARG C 515 12.00 -33.65 22.00
CA LYS C 516 12.10 -37.25 20.92
CA GLU C 517 9.38 -36.77 18.43
CA SER C 518 11.35 -34.07 16.65
CA TYR C 519 14.79 -35.44 17.10
CA GLN C 520 15.01 -37.30 13.79
CA ASP C 521 13.43 -34.60 11.82
CA PHE C 522 15.78 -32.09 13.19
CA ILE C 523 18.73 -34.23 12.29
CA TYR C 524 17.50 -34.45 8.82
CA LEU C 525 16.82 -30.77 8.51
CA LEU C 526 20.13 -29.76 9.97
CA PHE C 527 22.24 -31.94 7.65
CA ALA C 528 20.17 -31.35 4.62
CA SER C 529 20.52 -27.64 5.10
CA MET C 530 24.25 -28.12 5.28
CA GLY C 531 24.21 -29.93 1.89
CA PHE C 532 24.81 -33.44 3.30
CA LYS C 533 23.23 -36.31 1.59
CA VAL C 534 20.86 -37.71 4.15
CA THR C 535 19.37 -41.07 3.42
CA THR C 536 16.83 -42.70 5.73
CA ARG C 537 16.69 -46.57 5.49
CA ARG C 538 13.73 -48.15 7.30
CA SER C 539 14.72 -51.75 8.02
CA ILE C 540 12.32 -54.06 9.89
CA MET C 541 14.75 -55.93 12.07
CA GLY C 542 12.45 -58.20 14.18
CA SER C 543 9.39 -56.38 15.83
CA ASN C 544 10.97 -52.93 15.86
CA ASN C 545 10.92 -50.67 12.94
CA ILE C 546 14.51 -49.32 12.99
CA SER C 547 14.97 -46.04 11.07
CA ILE C 548 18.70 -45.66 10.19
CA ILE C 549 19.72 -42.10 9.11
CA SER C 550 22.84 -42.23 7.07
CA ILE C 551 24.70 -39.04 6.59
CA ARG C 552 27.20 -38.83 3.74
CA PRO C 553 30.00 -37.78 3.76
CA ARG C 554 30.82 -38.86 7.24
CA VAL C 555 31.14 -36.07 9.72
CA THR C 556 34.74 -36.30 10.92
CA LYS C 557 37.18 -33.78 12.31
CA GLN C 558 39.30 -34.01 9.25
CA TYR C 559 36.41 -33.62 7.02
CA ILE C 560 34.88 -30.60 8.78
CA VAL C 561 38.16 -28.89 9.10
CA ALA C 562 38.95 -29.52 5.43
CA THR C 563 35.60 -28.33 4.34
CA LEU C 564 35.73 -25.16 6.37
CA MET C 565 39.24 -24.46 5.29
CA LYS C 566 38.12 -24.33 1.71
CA THR C 567 35.69 -21.54 2.48
CA SER C 568 37.59 -19.73 5.15
CA CYS C 569 40.22 -17.08 4.78
CA SER C 570 42.73 -18.89 7.04
CA LYS C 571 43.27 -22.09 8.92
CA ASN C 572 43.06 -20.11 12.04
CA GLU C 573 39.63 -18.84 11.06
CA ALA C 574 38.35 -22.29 10.42
CA GLU C 575 39.55 -23.48 13.79
CA LYS C 576 38.02 -20.59 15.58
CA LEU C 577 34.74 -21.11 13.80
CA ILE C 578 34.74 -24.70 14.91
CA THR C 579 35.33 -23.64 18.47
CA SER C 580 32.58 -21.13 18.37
CA ALA C 581 30.16 -23.76 17.20
CA PHE C 582 31.35 -26.36 19.63
CA ASP C 583 27.96 -27.57 20.83
CA LEU C 584 26.50 -27.73 17.36
CA LEU C 585 29.48 -29.69 16.10
CA ASN C 586 29.30 -31.90 19.13
CA PHE C 587 25.85 -32.68 18.24
CA MET C 588 26.71 -33.29 14.52
CA VAL C 589 29.49 -35.68 15.33
CA SER C 590 27.42 -37.50 17.76
CA VAL C 591 24.50 -38.09 15.52
CA SER C 592 26.43 -38.92 12.30
CA ASP C 593 25.97 -42.67 12.99
CA PHE C 594 22.55 -42.18 14.37
CA ARG C 595 20.75 -45.59 14.54
CA ASP C 596 17.40 -44.81 16.11
CA TYR C 597 15.47 -48.01 16.98
CA GLN C 598 12.27 -46.06 16.81
CA SER C 599 9.40 -47.87 18.33
CA TYR C 600 7.14 -45.54 16.31
CA ARG C 601 4.77 -44.90 19.22
CA GLN C 602 1.55 -43.43 17.54
CA TYR C 603 1.12 -40.68 20.01
CA ARG C 604 -2.65 -39.69 20.08
CA ASN C 605 -2.46 -36.63 17.75
CA TYR C 606 -5.50 -34.37 18.40
CA CYS C 607 -6.31 -35.12 14.77
CA PRO C 608 -7.39 -38.84 15.59
CA ARG C 609 -5.61 -41.36 13.36
CA TYR C 610 -8.58 -43.85 12.86
CA PHE C 611 -6.53 -46.97 12.28
CA TYR C 612 -8.75 -48.93 9.92
CA ALA C 613 -8.26 -52.29 11.55
CA GLY C 614 -8.55 -54.76 8.91
#